data_5L9R
#
_entry.id   5L9R
#
_cell.length_a   71.233
_cell.length_b   71.233
_cell.length_c   48.245
_cell.angle_alpha   90.00
_cell.angle_beta   90.00
_cell.angle_gamma   90.00
#
_symmetry.space_group_name_H-M   'P 41'
#
loop_
_entity.id
_entity.type
_entity.pdbx_description
1 polymer 'Egl nine homolog 1'
2 non-polymer 'MANGANESE (II) ION'
3 non-polymer N-OXALYLGLYCINE
4 non-polymer 'TETRAETHYLENE GLYCOL'
5 non-polymer 'SULFATE ION'
6 non-polymer GLYCEROL
7 water water
#
_entity_poly.entity_id   1
_entity_poly.type   'polypeptide(L)'
_entity_poly.pdbx_seq_one_letter_code
;GSHMASPNGQTKPLPALKLALEYIVPAMNKHGICVVDDFLGKETGQQIGDEVRALHDTGKFTDGQLVSQKSDSSKDIRGD
KITWIEGKEPGCETIGLLMSSMDDLIRHCNGKLGSYKINGRTKAMVACYPGNGTGYVRHVDNPNGDGRCVTCIYYLNKDW
DAKVSGGILRIFPEGKAQFADIEPKFDRLLFFWSDRRNPHEVQPAYATRYAITVWYFDADERAAAKVKYLTGEKGVRVEL
NKPSDSVGKDVF
;
_entity_poly.pdbx_strand_id   A
#
loop_
_chem_comp.id
_chem_comp.type
_chem_comp.name
_chem_comp.formula
GOL non-polymer GLYCEROL 'C3 H8 O3'
MN non-polymer 'MANGANESE (II) ION' 'Mn 2'
OGA non-polymer N-OXALYLGLYCINE 'C4 H5 N O5'
PG4 non-polymer 'TETRAETHYLENE GLYCOL' 'C8 H18 O5'
SO4 non-polymer 'SULFATE ION' 'O4 S -2'
#
# COMPACT_ATOMS: atom_id res chain seq x y z
N THR A 11 26.99 -5.87 -4.17
CA THR A 11 25.55 -5.93 -4.02
C THR A 11 24.85 -5.27 -5.19
N LYS A 12 23.94 -6.02 -5.82
CA LYS A 12 23.29 -5.58 -7.03
C LYS A 12 21.78 -5.76 -6.93
N PRO A 13 21.01 -4.93 -7.63
CA PRO A 13 19.56 -5.13 -7.65
C PRO A 13 19.16 -6.35 -8.46
N LEU A 14 18.14 -7.05 -7.99
CA LEU A 14 17.57 -8.12 -8.79
C LEU A 14 16.77 -7.50 -9.93
N PRO A 15 16.86 -8.05 -11.14
CA PRO A 15 15.95 -7.61 -12.20
C PRO A 15 14.51 -7.82 -11.77
N ALA A 16 13.64 -6.92 -12.22
CA ALA A 16 12.23 -7.00 -11.86
C ALA A 16 11.65 -8.36 -12.22
N LEU A 17 11.96 -8.86 -13.43
CA LEU A 17 11.42 -10.13 -13.87
C LEU A 17 11.77 -11.26 -12.89
N LYS A 18 12.99 -11.22 -12.37
CA LYS A 18 13.48 -12.28 -11.51
C LYS A 18 12.83 -12.18 -10.14
N LEU A 19 12.77 -10.97 -9.57
CA LEU A 19 12.07 -10.78 -8.32
C LEU A 19 10.61 -11.21 -8.43
N ALA A 20 9.95 -10.82 -9.53
CA ALA A 20 8.56 -11.15 -9.72
C ALA A 20 8.32 -12.65 -9.76
N LEU A 21 9.06 -13.36 -10.61
CA LEU A 21 8.71 -14.75 -10.85
C LEU A 21 9.32 -15.70 -9.83
N GLU A 22 10.46 -15.34 -9.26
CA GLU A 22 11.11 -16.22 -8.30
C GLU A 22 10.70 -15.92 -6.86
N TYR A 23 10.08 -14.77 -6.60
CA TYR A 23 9.73 -14.46 -5.22
C TYR A 23 8.29 -13.99 -5.07
N ILE A 24 7.89 -12.96 -5.80
CA ILE A 24 6.58 -12.35 -5.53
C ILE A 24 5.45 -13.30 -5.88
N VAL A 25 5.48 -13.89 -7.08
CA VAL A 25 4.38 -14.77 -7.50
C VAL A 25 4.21 -15.93 -6.54
N PRO A 26 5.24 -16.73 -6.22
CA PRO A 26 5.05 -17.85 -5.28
C PRO A 26 4.63 -17.41 -3.90
N ALA A 27 5.20 -16.32 -3.39
CA ALA A 27 4.82 -15.82 -2.07
C ALA A 27 3.34 -15.45 -2.05
N MET A 28 2.89 -14.74 -3.07
CA MET A 28 1.48 -14.31 -3.12
C MET A 28 0.55 -15.48 -3.28
N ASN A 29 0.88 -16.44 -4.14
CA ASN A 29 -0.03 -17.56 -4.34
C ASN A 29 -0.05 -18.47 -3.12
N LYS A 30 1.03 -18.53 -2.35
CA LYS A 30 1.06 -19.38 -1.17
C LYS A 30 0.48 -18.69 0.06
N HIS A 31 0.75 -17.39 0.22
CA HIS A 31 0.43 -16.69 1.46
C HIS A 31 -0.50 -15.50 1.32
N GLY A 32 -0.65 -14.93 0.12
CA GLY A 32 -1.48 -13.75 -0.06
C GLY A 32 -0.86 -12.47 0.44
N ILE A 33 0.41 -12.53 0.83
CA ILE A 33 1.19 -11.43 1.38
C ILE A 33 2.61 -11.66 0.90
N CYS A 34 3.29 -10.59 0.54
CA CYS A 34 4.69 -10.64 0.12
C CYS A 34 5.39 -9.36 0.52
N VAL A 35 6.47 -9.45 1.30
CA VAL A 35 7.29 -8.32 1.70
C VAL A 35 8.61 -8.36 0.94
N VAL A 36 8.97 -7.24 0.31
CA VAL A 36 10.25 -7.09 -0.40
C VAL A 36 11.00 -5.95 0.28
N ASP A 37 12.14 -6.24 0.87
CA ASP A 37 12.96 -5.19 1.46
C ASP A 37 14.03 -4.69 0.50
N ASP A 38 14.49 -3.48 0.77
CA ASP A 38 15.51 -2.81 -0.03
C ASP A 38 15.09 -2.74 -1.49
N PHE A 39 13.88 -2.24 -1.71
CA PHE A 39 13.29 -2.26 -3.04
C PHE A 39 14.04 -1.33 -3.99
N LEU A 40 14.24 -0.08 -3.60
CA LEU A 40 14.83 0.94 -4.47
C LEU A 40 16.19 1.45 -4.03
N GLY A 41 16.61 1.19 -2.80
CA GLY A 41 17.90 1.69 -2.34
C GLY A 41 17.77 2.99 -1.57
N LYS A 42 18.86 3.33 -0.88
CA LYS A 42 18.83 4.45 0.07
C LYS A 42 18.62 5.79 -0.64
N GLU A 43 19.37 6.04 -1.71
CA GLU A 43 19.31 7.35 -2.35
C GLU A 43 17.90 7.66 -2.84
N THR A 44 17.31 6.73 -3.58
CA THR A 44 15.95 6.94 -4.08
C THR A 44 14.93 6.99 -2.95
N GLY A 45 15.03 6.07 -1.99
CA GLY A 45 14.09 6.09 -0.88
C GLY A 45 14.11 7.41 -0.13
N GLN A 46 15.30 7.98 0.05
CA GLN A 46 15.44 9.27 0.70
C GLN A 46 14.80 10.38 -0.13
N GLN A 47 15.00 10.33 -1.46
CA GLN A 47 14.37 11.33 -2.32
C GLN A 47 12.85 11.27 -2.19
N ILE A 48 12.30 10.05 -2.19
CA ILE A 48 10.86 9.88 -2.00
C ILE A 48 10.42 10.46 -0.67
N GLY A 49 11.19 10.17 0.40
CA GLY A 49 10.87 10.76 1.69
C GLY A 49 10.85 12.28 1.66
N ASP A 50 11.81 12.89 0.97
CA ASP A 50 11.81 14.35 0.86
C ASP A 50 10.57 14.85 0.12
N GLU A 51 10.14 14.12 -0.91
CA GLU A 51 8.97 14.59 -1.66
C GLU A 51 7.69 14.46 -0.84
N VAL A 52 7.56 13.37 -0.08
CA VAL A 52 6.39 13.20 0.77
C VAL A 52 6.38 14.25 1.87
N ARG A 53 7.55 14.51 2.48
CA ARG A 53 7.62 15.53 3.52
C ARG A 53 7.28 16.90 2.97
N ALA A 54 7.67 17.17 1.74
CA ALA A 54 7.27 18.43 1.11
C ALA A 54 5.77 18.49 0.94
N LEU A 55 5.14 17.39 0.50
CA LEU A 55 3.68 17.37 0.43
C LEU A 55 3.05 17.70 1.77
N HIS A 56 3.58 17.10 2.84
CA HIS A 56 3.04 17.31 4.19
C HIS A 56 3.21 18.76 4.63
N ASP A 57 4.41 19.32 4.46
CA ASP A 57 4.70 20.65 4.96
C ASP A 57 3.93 21.73 4.21
N THR A 58 3.60 21.51 2.94
CA THR A 58 2.89 22.50 2.16
C THR A 58 1.37 22.31 2.20
N GLY A 59 0.87 21.42 3.05
CA GLY A 59 -0.55 21.40 3.36
C GLY A 59 -1.42 20.70 2.34
N LYS A 60 -0.90 19.70 1.63
CA LYS A 60 -1.68 19.03 0.59
C LYS A 60 -2.50 17.87 1.13
N PHE A 61 -2.31 17.48 2.39
CA PHE A 61 -2.99 16.32 2.95
C PHE A 61 -4.38 16.69 3.44
N THR A 62 -5.29 15.73 3.35
CA THR A 62 -6.66 15.79 3.84
C THR A 62 -6.83 14.66 4.86
N ASP A 63 -7.60 14.89 5.93
CA ASP A 63 -7.81 13.84 6.92
C ASP A 63 -8.49 12.62 6.31
N GLY A 64 -7.88 11.44 6.48
CA GLY A 64 -8.47 10.21 5.93
C GLY A 64 -9.81 9.86 6.55
N GLN A 65 -10.04 10.28 7.79
CA GLN A 65 -11.35 10.12 8.41
C GLN A 65 -12.45 10.71 7.55
N LEU A 66 -12.18 11.86 6.91
CA LEU A 66 -13.19 12.47 6.05
C LEU A 66 -13.53 11.58 4.88
N VAL A 67 -12.54 10.85 4.37
CA VAL A 67 -12.76 9.96 3.23
C VAL A 67 -13.58 8.75 3.66
N SER A 68 -13.21 8.14 4.79
CA SER A 68 -13.82 6.87 5.15
C SER A 68 -15.12 6.99 5.95
N GLN A 69 -15.36 8.09 6.65
CA GLN A 69 -16.55 8.19 7.48
C GLN A 69 -17.81 8.25 6.61
N LYS A 70 -18.93 7.80 7.18
CA LYS A 70 -20.23 8.01 6.55
C LYS A 70 -20.68 9.45 6.74
N SER A 71 -20.51 10.00 7.93
CA SER A 71 -20.86 11.39 8.23
C SER A 71 -19.94 11.88 9.34
N ASP A 72 -20.08 13.16 9.68
CA ASP A 72 -19.26 13.73 10.74
C ASP A 72 -19.57 13.14 12.11
N SER A 73 -20.67 12.39 12.24
CA SER A 73 -21.02 11.74 13.50
C SER A 73 -20.43 10.36 13.63
N SER A 74 -19.84 9.82 12.57
CA SER A 74 -19.37 8.45 12.58
C SER A 74 -18.25 8.27 13.61
N LYS A 75 -18.12 7.03 14.10
CA LYS A 75 -17.05 6.68 15.01
C LYS A 75 -15.70 6.76 14.30
N ASP A 76 -14.64 6.91 15.09
CA ASP A 76 -13.30 7.01 14.55
C ASP A 76 -12.94 5.77 13.75
N ILE A 77 -12.32 5.99 12.60
CA ILE A 77 -11.83 4.92 11.73
C ILE A 77 -10.31 4.98 11.59
N ARG A 78 -9.78 6.16 11.30
CA ARG A 78 -8.39 6.28 10.88
C ARG A 78 -7.90 7.67 11.25
N GLY A 79 -6.65 7.74 11.70
CA GLY A 79 -6.03 8.99 12.07
C GLY A 79 -5.02 9.51 11.07
N ASP A 80 -4.96 8.95 9.85
CA ASP A 80 -3.99 9.38 8.86
C ASP A 80 -4.49 10.59 8.06
N LYS A 81 -3.56 11.17 7.30
CA LYS A 81 -3.78 12.31 6.44
C LYS A 81 -3.22 11.90 5.08
N ILE A 82 -3.94 12.18 4.00
CA ILE A 82 -3.61 11.58 2.70
C ILE A 82 -3.71 12.59 1.57
N THR A 83 -3.03 12.26 0.48
CA THR A 83 -3.21 12.96 -0.78
C THR A 83 -2.98 11.98 -1.92
N TRP A 84 -3.61 12.23 -3.06
CA TRP A 84 -3.47 11.38 -4.23
C TRP A 84 -2.47 11.98 -5.19
N ILE A 85 -1.53 11.15 -5.65
CA ILE A 85 -0.46 11.59 -6.54
C ILE A 85 -0.51 10.78 -7.82
N GLU A 86 -0.48 11.49 -8.97
CA GLU A 86 -0.50 10.81 -10.26
C GLU A 86 0.90 10.37 -10.69
N GLY A 87 1.91 11.12 -10.27
CA GLY A 87 3.30 10.76 -10.49
C GLY A 87 4.03 11.69 -11.43
N LYS A 88 3.31 12.53 -12.15
CA LYS A 88 3.89 13.51 -13.06
C LYS A 88 3.86 14.93 -12.51
N GLU A 89 3.39 15.14 -11.28
CA GLU A 89 3.32 16.50 -10.75
C GLU A 89 4.71 17.03 -10.42
N PRO A 90 4.90 18.35 -10.49
CA PRO A 90 6.23 18.89 -10.16
C PRO A 90 6.58 18.62 -8.71
N GLY A 91 7.82 18.17 -8.50
CA GLY A 91 8.26 17.81 -7.18
C GLY A 91 7.81 16.44 -6.71
N CYS A 92 7.19 15.65 -7.59
CA CYS A 92 6.78 14.28 -7.27
C CYS A 92 7.36 13.26 -8.25
N GLU A 93 8.43 13.63 -8.96
CA GLU A 93 8.98 12.76 -9.99
C GLU A 93 9.46 11.44 -9.40
N THR A 94 10.04 11.46 -8.20
CA THR A 94 10.56 10.22 -7.62
C THR A 94 9.43 9.31 -7.17
N ILE A 95 8.32 9.88 -6.69
CA ILE A 95 7.13 9.08 -6.46
C ILE A 95 6.66 8.43 -7.75
N GLY A 96 6.71 9.18 -8.86
CA GLY A 96 6.39 8.61 -10.15
C GLY A 96 7.30 7.45 -10.53
N LEU A 97 8.59 7.56 -10.21
CA LEU A 97 9.50 6.45 -10.47
C LEU A 97 9.15 5.24 -9.62
N LEU A 98 8.79 5.46 -8.35
CA LEU A 98 8.32 4.36 -7.52
C LEU A 98 7.13 3.66 -8.17
N MET A 99 6.16 4.45 -8.63
CA MET A 99 4.96 3.88 -9.25
C MET A 99 5.31 3.08 -10.49
N SER A 100 6.25 3.60 -11.31
CA SER A 100 6.65 2.84 -12.50
C SER A 100 7.33 1.53 -12.13
N SER A 101 8.06 1.53 -11.01
CA SER A 101 8.75 0.32 -10.55
C SER A 101 7.76 -0.72 -10.05
N MET A 102 6.76 -0.28 -9.31
CA MET A 102 5.66 -1.17 -8.92
C MET A 102 5.01 -1.77 -10.16
N ASP A 103 4.65 -0.91 -11.11
CA ASP A 103 4.01 -1.36 -12.35
C ASP A 103 4.86 -2.39 -13.06
N ASP A 104 6.19 -2.21 -13.09
N ASP A 104 6.18 -2.21 -13.09
CA ASP A 104 7.04 -3.18 -13.76
CA ASP A 104 7.03 -3.18 -13.76
C ASP A 104 6.94 -4.55 -13.11
C ASP A 104 6.92 -4.55 -13.10
N LEU A 105 6.95 -4.59 -11.78
CA LEU A 105 6.81 -5.87 -11.08
C LEU A 105 5.48 -6.53 -11.41
N ILE A 106 4.40 -5.75 -11.36
CA ILE A 106 3.07 -6.34 -11.60
C ILE A 106 2.99 -6.84 -13.03
N ARG A 107 3.55 -6.08 -13.96
CA ARG A 107 3.56 -6.48 -15.36
C ARG A 107 4.24 -7.83 -15.52
N HIS A 108 5.38 -8.02 -14.85
CA HIS A 108 6.01 -9.33 -14.93
C HIS A 108 5.21 -10.42 -14.21
N CYS A 109 4.34 -10.05 -13.26
CA CYS A 109 3.51 -11.03 -12.57
C CYS A 109 2.25 -11.39 -13.33
N ASN A 110 1.77 -10.51 -14.21
CA ASN A 110 0.39 -10.58 -14.65
C ASN A 110 0.08 -11.93 -15.28
N GLY A 111 -1.09 -12.47 -14.93
CA GLY A 111 -1.47 -13.79 -15.37
C GLY A 111 -1.02 -14.90 -14.46
N LYS A 112 -0.27 -14.57 -13.42
CA LYS A 112 0.24 -15.57 -12.50
C LYS A 112 -0.17 -15.30 -11.05
N LEU A 113 -0.81 -14.17 -10.79
CA LEU A 113 -1.31 -13.85 -9.45
C LEU A 113 -2.74 -14.34 -9.36
N GLY A 114 -2.91 -15.54 -8.80
CA GLY A 114 -4.23 -16.15 -8.81
C GLY A 114 -4.78 -16.20 -10.22
N SER A 115 -6.09 -16.01 -10.34
CA SER A 115 -6.76 -15.97 -11.64
C SER A 115 -6.92 -14.55 -12.16
N TYR A 116 -6.27 -13.57 -11.56
CA TYR A 116 -6.50 -12.18 -11.89
C TYR A 116 -5.84 -11.79 -13.21
N LYS A 117 -6.49 -10.89 -13.93
CA LYS A 117 -5.94 -10.23 -15.11
C LYS A 117 -5.89 -8.74 -14.80
N ILE A 118 -4.72 -8.25 -14.40
CA ILE A 118 -4.60 -6.88 -13.91
C ILE A 118 -4.49 -5.94 -15.09
N ASN A 119 -5.39 -4.93 -15.14
CA ASN A 119 -5.44 -4.03 -16.30
C ASN A 119 -5.46 -2.56 -15.93
N GLY A 120 -5.09 -2.20 -14.71
CA GLY A 120 -5.05 -0.80 -14.32
C GLY A 120 -4.74 -0.71 -12.84
N ARG A 121 -4.68 0.52 -12.34
CA ARG A 121 -4.39 0.79 -10.94
C ARG A 121 -4.91 2.17 -10.59
N THR A 122 -5.02 2.42 -9.29
CA THR A 122 -5.31 3.73 -8.76
C THR A 122 -4.09 4.63 -8.91
N LYS A 123 -4.30 5.93 -8.65
CA LYS A 123 -3.18 6.80 -8.34
C LYS A 123 -2.56 6.37 -7.01
N ALA A 124 -1.45 7.00 -6.66
CA ALA A 124 -0.77 6.69 -5.41
C ALA A 124 -1.42 7.45 -4.26
N MET A 125 -1.73 6.75 -3.20
CA MET A 125 -2.22 7.36 -1.96
C MET A 125 -1.04 7.55 -1.02
N VAL A 126 -0.60 8.80 -0.87
CA VAL A 126 0.45 9.15 0.06
C VAL A 126 -0.23 9.41 1.40
N ALA A 127 0.24 8.75 2.45
CA ALA A 127 -0.43 8.79 3.74
C ALA A 127 0.58 9.01 4.86
N CYS A 128 0.13 9.79 5.84
CA CYS A 128 0.91 10.16 7.02
C CYS A 128 0.06 9.91 8.25
N TYR A 129 0.58 9.12 9.19
CA TYR A 129 0.02 9.07 10.52
C TYR A 129 0.88 9.99 11.37
N PRO A 130 0.34 11.06 11.93
CA PRO A 130 1.20 12.08 12.55
C PRO A 130 1.56 11.75 13.98
N GLY A 131 1.84 10.49 14.26
CA GLY A 131 2.09 10.12 15.62
C GLY A 131 0.82 10.32 16.44
N ASN A 132 1.00 10.57 17.73
CA ASN A 132 -0.11 10.88 18.62
C ASN A 132 -1.07 9.69 18.83
N GLY A 133 -0.61 8.47 18.62
CA GLY A 133 -1.44 7.31 18.86
C GLY A 133 -2.45 7.00 17.78
N THR A 134 -2.34 7.66 16.63
CA THR A 134 -3.24 7.44 15.52
C THR A 134 -2.93 6.11 14.84
N GLY A 135 -3.97 5.51 14.28
CA GLY A 135 -3.84 4.28 13.52
C GLY A 135 -5.06 4.10 12.62
N TYR A 136 -5.36 2.85 12.30
CA TYR A 136 -6.47 2.53 11.41
C TYR A 136 -7.09 1.24 11.93
N VAL A 137 -8.37 1.31 12.31
CA VAL A 137 -9.11 0.16 12.81
C VAL A 137 -9.05 -0.97 11.80
N ARG A 138 -9.33 -2.19 12.27
CA ARG A 138 -9.30 -3.33 11.38
C ARG A 138 -10.32 -3.16 10.26
N HIS A 139 -9.90 -3.48 9.04
CA HIS A 139 -10.72 -3.24 7.87
C HIS A 139 -10.25 -4.13 6.75
N VAL A 140 -11.10 -4.25 5.74
CA VAL A 140 -10.78 -4.88 4.46
C VAL A 140 -10.71 -3.74 3.44
N ASP A 141 -9.69 -3.75 2.58
CA ASP A 141 -9.55 -2.66 1.62
C ASP A 141 -10.69 -2.66 0.62
N ASN A 142 -10.99 -3.82 0.05
CA ASN A 142 -12.03 -3.95 -0.98
C ASN A 142 -13.00 -5.04 -0.55
N PRO A 143 -13.98 -4.71 0.27
CA PRO A 143 -14.92 -5.72 0.75
C PRO A 143 -16.10 -5.98 -0.16
N ASN A 144 -16.41 -5.04 -1.07
CA ASN A 144 -17.66 -5.08 -1.82
C ASN A 144 -17.46 -5.30 -3.32
N GLY A 145 -16.27 -5.73 -3.73
CA GLY A 145 -15.99 -6.04 -5.12
C GLY A 145 -15.86 -4.86 -6.06
N ASP A 146 -15.09 -3.83 -5.67
CA ASP A 146 -14.90 -2.64 -6.49
C ASP A 146 -13.79 -2.80 -7.53
N GLY A 147 -13.22 -3.99 -7.68
CA GLY A 147 -12.25 -4.28 -8.72
C GLY A 147 -10.81 -4.38 -8.24
N ARG A 148 -10.50 -3.87 -7.06
CA ARG A 148 -9.13 -3.87 -6.59
C ARG A 148 -8.76 -5.25 -6.09
N CYS A 149 -7.71 -5.84 -6.66
CA CYS A 149 -7.31 -7.19 -6.27
C CYS A 149 -6.00 -7.24 -5.51
N VAL A 150 -5.08 -6.30 -5.75
CA VAL A 150 -3.79 -6.28 -5.06
C VAL A 150 -3.53 -4.91 -4.45
N THR A 151 -3.16 -4.89 -3.19
CA THR A 151 -2.71 -3.70 -2.48
C THR A 151 -1.18 -3.69 -2.48
N CYS A 152 -0.61 -2.57 -2.88
CA CYS A 152 0.85 -2.42 -2.93
C CYS A 152 1.25 -1.19 -2.12
N ILE A 153 2.04 -1.38 -1.05
CA ILE A 153 2.43 -0.31 -0.16
C ILE A 153 3.94 -0.19 -0.11
N TYR A 154 4.43 1.05 -0.20
CA TYR A 154 5.85 1.37 -0.03
C TYR A 154 6.04 2.24 1.22
N TYR A 155 6.92 1.81 2.10
CA TYR A 155 7.18 2.48 3.36
C TYR A 155 8.49 3.25 3.31
N LEU A 156 8.54 4.38 4.04
CA LEU A 156 9.58 5.38 3.86
C LEU A 156 10.22 5.82 5.17
N ASN A 157 10.12 5.05 6.24
CA ASN A 157 10.43 5.54 7.58
C ASN A 157 11.78 5.01 8.06
N LYS A 158 12.78 5.89 8.10
CA LYS A 158 14.12 5.50 8.50
C LYS A 158 14.19 5.18 9.98
N ASP A 159 14.93 4.13 10.30
CA ASP A 159 15.22 3.78 11.69
C ASP A 159 13.94 3.68 12.52
N TRP A 160 12.90 3.11 11.93
CA TRP A 160 11.65 2.94 12.64
C TRP A 160 11.78 1.82 13.67
N ASP A 161 11.47 2.13 14.92
CA ASP A 161 11.58 1.16 16.01
C ASP A 161 10.18 0.89 16.54
N ALA A 162 9.57 -0.21 16.06
CA ALA A 162 8.18 -0.51 16.40
C ALA A 162 8.01 -0.65 17.90
N LYS A 163 9.06 -1.09 18.60
CA LYS A 163 8.97 -1.25 20.05
C LYS A 163 8.64 0.06 20.74
N VAL A 164 9.11 1.18 20.21
CA VAL A 164 8.84 2.49 20.80
C VAL A 164 7.77 3.25 20.04
N SER A 165 7.79 3.18 18.70
CA SER A 165 6.93 4.02 17.88
C SER A 165 5.66 3.32 17.39
N GLY A 166 5.56 2.01 17.57
CA GLY A 166 4.35 1.30 17.20
C GLY A 166 4.20 1.28 15.70
N GLY A 167 2.97 1.50 15.23
CA GLY A 167 2.73 1.68 13.81
C GLY A 167 2.79 0.42 12.99
N ILE A 168 2.75 -0.75 13.65
CA ILE A 168 2.79 -2.01 12.92
C ILE A 168 1.52 -2.21 12.12
N LEU A 169 1.67 -2.66 10.87
CA LEU A 169 0.54 -3.16 10.10
C LEU A 169 0.36 -4.64 10.43
N ARG A 170 -0.79 -5.00 10.98
CA ARG A 170 -1.06 -6.40 11.33
C ARG A 170 -2.15 -6.92 10.40
N ILE A 171 -1.86 -8.05 9.76
CA ILE A 171 -2.73 -8.66 8.78
C ILE A 171 -3.18 -10.00 9.33
N PHE A 172 -4.48 -10.29 9.22
CA PHE A 172 -5.08 -11.53 9.72
C PHE A 172 -5.67 -12.33 8.57
N PRO A 173 -4.86 -13.09 7.85
CA PRO A 173 -5.39 -13.84 6.70
C PRO A 173 -6.58 -14.68 7.12
N GLU A 174 -7.66 -14.53 6.37
CA GLU A 174 -8.95 -15.14 6.71
C GLU A 174 -8.84 -16.66 6.72
N GLY A 175 -9.28 -17.26 7.83
CA GLY A 175 -9.36 -18.70 7.88
C GLY A 175 -8.03 -19.40 7.99
N LYS A 176 -6.97 -18.68 8.33
CA LYS A 176 -5.65 -19.26 8.54
C LYS A 176 -5.26 -19.17 10.00
N ALA A 177 -4.43 -20.12 10.43
CA ALA A 177 -3.96 -20.15 11.82
C ALA A 177 -2.71 -19.30 12.02
N GLN A 178 -2.64 -18.16 11.36
CA GLN A 178 -1.44 -17.34 11.39
C GLN A 178 -1.82 -15.89 11.18
N PHE A 179 -0.90 -15.01 11.53
CA PHE A 179 -1.06 -13.60 11.24
C PHE A 179 0.31 -13.01 10.96
N ALA A 180 0.32 -11.81 10.38
CA ALA A 180 1.58 -11.20 9.95
C ALA A 180 1.72 -9.79 10.52
N ASP A 181 2.91 -9.46 11.01
CA ASP A 181 3.23 -8.12 11.50
C ASP A 181 4.26 -7.52 10.56
N ILE A 182 3.90 -6.40 9.94
N ILE A 182 3.92 -6.41 9.94
CA ILE A 182 4.76 -5.68 9.00
CA ILE A 182 4.78 -5.69 9.00
C ILE A 182 5.14 -4.36 9.65
C ILE A 182 5.13 -4.36 9.62
N GLU A 183 6.40 -4.20 10.02
CA GLU A 183 6.89 -2.90 10.43
C GLU A 183 6.99 -1.98 9.21
N PRO A 184 6.69 -0.68 9.37
CA PRO A 184 6.68 0.27 8.25
C PRO A 184 8.10 0.76 7.91
N LYS A 185 8.97 -0.20 7.62
CA LYS A 185 10.42 0.01 7.49
C LYS A 185 10.78 0.75 6.21
N PHE A 186 11.83 1.56 6.29
CA PHE A 186 12.32 2.32 5.13
C PHE A 186 12.66 1.40 3.95
N ASP A 187 12.14 1.74 2.77
CA ASP A 187 12.45 1.09 1.50
C ASP A 187 11.86 -0.32 1.42
N ARG A 188 10.81 -0.58 2.19
CA ARG A 188 10.07 -1.84 2.16
C ARG A 188 8.86 -1.71 1.25
N LEU A 189 8.67 -2.73 0.42
CA LEU A 189 7.53 -2.87 -0.45
C LEU A 189 6.69 -4.06 0.00
N LEU A 190 5.38 -3.88 0.08
CA LEU A 190 4.47 -4.90 0.56
C LEU A 190 3.36 -5.11 -0.46
N PHE A 191 3.05 -6.37 -0.77
CA PHE A 191 1.88 -6.71 -1.58
C PHE A 191 0.94 -7.56 -0.74
N PHE A 192 -0.36 -7.39 -0.92
CA PHE A 192 -1.29 -8.35 -0.33
C PHE A 192 -2.65 -8.28 -1.03
N TRP A 193 -3.38 -9.39 -1.01
CA TRP A 193 -4.70 -9.42 -1.64
C TRP A 193 -5.61 -8.40 -0.97
N SER A 194 -6.30 -7.58 -1.77
CA SER A 194 -7.09 -6.45 -1.25
C SER A 194 -8.47 -6.86 -0.71
N ASP A 195 -8.95 -8.06 -1.00
CA ASP A 195 -10.31 -8.46 -0.69
C ASP A 195 -10.40 -9.02 0.73
N ARG A 196 -11.49 -9.71 1.04
N ARG A 196 -11.49 -9.70 1.06
CA ARG A 196 -11.80 -10.17 2.39
CA ARG A 196 -11.75 -10.12 2.44
C ARG A 196 -10.77 -11.14 2.95
C ARG A 196 -10.79 -11.18 2.94
N ARG A 197 -9.91 -11.71 2.10
CA ARG A 197 -8.90 -12.63 2.58
C ARG A 197 -7.93 -11.96 3.55
N ASN A 198 -7.76 -10.62 3.50
CA ASN A 198 -6.75 -9.92 4.29
C ASN A 198 -7.30 -8.72 5.05
N PRO A 199 -8.10 -8.95 6.08
CA PRO A 199 -8.38 -7.87 7.02
C PRO A 199 -7.10 -7.47 7.74
N HIS A 200 -6.96 -6.19 8.02
CA HIS A 200 -5.72 -5.69 8.59
C HIS A 200 -5.99 -4.39 9.35
N GLU A 201 -5.02 -4.01 10.17
CA GLU A 201 -5.14 -2.82 11.00
C GLU A 201 -3.78 -2.17 11.09
N VAL A 202 -3.76 -0.86 11.27
CA VAL A 202 -2.53 -0.14 11.61
C VAL A 202 -2.60 0.18 13.09
N GLN A 203 -1.72 -0.42 13.85
CA GLN A 203 -1.68 -0.19 15.26
C GLN A 203 -1.21 1.22 15.54
N PRO A 204 -1.58 1.77 16.70
CA PRO A 204 -1.25 3.17 16.99
C PRO A 204 0.22 3.51 16.76
N ALA A 205 0.44 4.64 16.08
CA ALA A 205 1.78 5.14 15.79
C ALA A 205 2.08 6.32 16.70
N TYR A 206 3.26 6.30 17.31
CA TYR A 206 3.71 7.35 18.21
C TYR A 206 4.84 8.17 17.61
N ALA A 207 5.03 8.07 16.30
CA ALA A 207 5.97 8.88 15.54
C ALA A 207 5.40 9.07 14.16
N THR A 208 5.95 10.02 13.42
CA THR A 208 5.41 10.32 12.09
C THR A 208 5.67 9.12 11.18
N ARG A 209 4.62 8.63 10.51
CA ARG A 209 4.70 7.38 9.75
C ARG A 209 4.18 7.64 8.34
N TYR A 210 5.05 7.49 7.34
CA TYR A 210 4.69 7.72 5.95
C TYR A 210 4.63 6.40 5.18
N ALA A 211 3.69 6.31 4.24
CA ALA A 211 3.61 5.18 3.32
C ALA A 211 2.91 5.65 2.05
N ILE A 212 3.14 4.92 0.95
CA ILE A 212 2.51 5.21 -0.34
C ILE A 212 1.88 3.93 -0.84
N THR A 213 0.58 3.98 -1.13
CA THR A 213 -0.16 2.81 -1.58
C THR A 213 -0.72 2.99 -2.99
N VAL A 214 -0.67 1.91 -3.75
N VAL A 214 -0.63 1.95 -3.80
CA VAL A 214 -1.38 1.79 -5.02
CA VAL A 214 -1.46 1.86 -5.00
C VAL A 214 -2.20 0.51 -4.98
C VAL A 214 -2.21 0.55 -4.94
N TRP A 215 -3.41 0.56 -5.52
CA TRP A 215 -4.24 -0.65 -5.67
C TRP A 215 -4.35 -1.00 -7.14
N TYR A 216 -4.13 -2.27 -7.45
CA TYR A 216 -4.23 -2.75 -8.83
C TYR A 216 -5.61 -3.35 -9.05
N PHE A 217 -6.10 -3.19 -10.29
CA PHE A 217 -7.44 -3.63 -10.67
C PHE A 217 -7.39 -4.93 -11.46
N ASP A 218 -8.34 -5.82 -11.16
CA ASP A 218 -8.60 -6.99 -11.98
C ASP A 218 -9.62 -6.64 -13.05
N ALA A 219 -9.30 -7.00 -14.29
CA ALA A 219 -10.11 -6.60 -15.43
C ALA A 219 -11.56 -7.03 -15.25
N ASP A 220 -11.77 -8.33 -14.99
CA ASP A 220 -13.14 -8.85 -14.95
C ASP A 220 -13.93 -8.22 -13.82
N GLU A 221 -13.38 -8.20 -12.61
CA GLU A 221 -14.10 -7.64 -11.48
C GLU A 221 -14.36 -6.15 -11.66
N ARG A 222 -13.38 -5.42 -12.20
N ARG A 222 -13.38 -5.42 -12.19
CA ARG A 222 -13.59 -3.99 -12.40
CA ARG A 222 -13.55 -4.00 -12.43
C ARG A 222 -14.67 -3.74 -13.45
C ARG A 222 -14.66 -3.75 -13.45
N ALA A 223 -14.69 -4.56 -14.51
CA ALA A 223 -15.74 -4.41 -15.51
C ALA A 223 -17.11 -4.72 -14.90
N ALA A 224 -17.20 -5.80 -14.12
CA ALA A 224 -18.45 -6.16 -13.47
C ALA A 224 -18.91 -5.06 -12.53
N ALA A 225 -17.97 -4.49 -11.78
CA ALA A 225 -18.28 -3.37 -10.91
C ALA A 225 -18.79 -2.19 -11.73
N LYS A 226 -18.25 -2.00 -12.94
CA LYS A 226 -18.77 -0.95 -13.81
C LYS A 226 -20.19 -1.27 -14.27
N VAL A 227 -20.49 -2.56 -14.47
CA VAL A 227 -21.83 -2.97 -14.91
C VAL A 227 -22.86 -2.69 -13.82
N LYS A 228 -22.53 -3.04 -12.57
CA LYS A 228 -23.40 -2.67 -11.45
C LYS A 228 -23.45 -1.15 -11.29
N TYR A 229 -22.31 -0.50 -11.46
CA TYR A 229 -22.22 0.97 -11.52
C TYR A 229 -23.32 1.55 -12.39
N LEU A 230 -23.46 1.03 -13.60
CA LEU A 230 -24.48 1.47 -14.55
C LEU A 230 -25.71 0.58 -14.50
MN MN B . -5.93 -0.96 4.27
C1 OGA C . -4.89 1.79 4.38
C2 OGA C . -3.94 0.90 5.15
C4 OGA C . -1.70 0.28 5.86
C5 OGA C . -0.36 0.89 6.21
O1 OGA C . -5.96 1.29 3.90
O2 OGA C . -4.57 2.98 4.26
O2' OGA C . -4.42 -0.29 5.54
O3 OGA C . -0.20 2.13 6.05
N1 OGA C . -2.65 1.26 5.42
O4 OGA C . 0.52 0.11 6.68
H4C1 OGA C . -2.05 -0.18 6.65
H4C2 OGA C . -1.57 -0.37 5.15
H1 OGA C . -2.40 2.13 5.55
C1 OGA D . 8.97 -9.00 8.51
C2 OGA D . 7.98 -9.60 7.54
C4 OGA D . 5.75 -10.42 7.03
C5 OGA D . 5.76 -11.92 7.12
O1 OGA D . 8.57 -8.54 9.62
O2 OGA D . 10.20 -8.98 8.20
O2' OGA D . 8.37 -9.97 6.30
O3 OGA D . 6.66 -12.47 7.82
N1 OGA D . 6.70 -9.79 7.91
O4 OGA D . 4.84 -12.49 6.48
H4C1 OGA D . 5.97 -10.15 6.11
H4C2 OGA D . 4.85 -10.09 7.25
H1 OGA D . 6.33 -9.40 8.65
O1 PG4 E . -5.40 2.43 -14.70
C1 PG4 E . -4.04 2.49 -15.03
C2 PG4 E . -3.52 3.90 -14.77
O2 PG4 E . -4.54 4.83 -15.07
C3 PG4 E . -4.42 6.12 -14.51
C4 PG4 E . -4.58 6.09 -12.99
O3 PG4 E . -5.85 5.68 -12.51
C5 PG4 E . -6.90 5.32 -13.39
C6 PG4 E . -7.84 4.32 -12.69
O4 PG4 E . -8.82 4.92 -11.90
C7 PG4 E . -8.40 5.67 -10.79
C8 PG4 E . -9.67 6.29 -10.19
O5 PG4 E . -10.12 5.50 -9.12
HO1 PG4 E . -5.75 1.75 -15.08
H11 PG4 E . -3.54 1.87 -14.48
H12 PG4 E . -3.92 2.27 -15.97
H21 PG4 E . -3.26 3.99 -13.84
H22 PG4 E . -2.75 4.08 -15.34
H31 PG4 E . -3.54 6.48 -14.73
H32 PG4 E . -5.09 6.68 -14.90
H41 PG4 E . -3.91 5.49 -12.62
H42 PG4 E . -4.41 6.98 -12.65
H51 PG4 E . -7.40 6.11 -13.63
H52 PG4 E . -6.53 4.91 -14.18
H61 PG4 E . -8.27 3.78 -13.37
H62 PG4 E . -7.30 3.74 -12.13
H71 PG4 E . -7.97 5.09 -10.15
H72 PG4 E . -7.80 6.37 -11.08
H81 PG4 E . -9.47 7.18 -9.88
H82 PG4 E . -10.36 6.35 -10.87
HO5 PG4 E . -10.90 5.76 -8.90
S SO4 F . -12.79 -6.64 9.29
O1 SO4 F . -13.90 -6.26 8.42
O2 SO4 F . -12.65 -8.09 9.28
O3 SO4 F . -11.56 -6.02 8.81
O4 SO4 F . -13.07 -6.18 10.65
S SO4 G . -0.44 -2.67 -15.65
O1 SO4 G . -1.14 -1.41 -15.44
O2 SO4 G . -1.34 -3.78 -15.34
O3 SO4 G . -0.02 -2.79 -17.05
O4 SO4 G . 0.73 -2.72 -14.78
S SO4 H . -11.00 3.43 -5.54
O1 SO4 H . -11.15 2.05 -5.97
O2 SO4 H . -12.32 3.97 -5.22
O3 SO4 H . -10.42 4.23 -6.62
O4 SO4 H . -10.14 3.51 -4.36
C1 GOL I . -7.40 6.27 14.69
O1 GOL I . -8.40 7.25 14.83
C2 GOL I . -7.58 5.19 15.76
O2 GOL I . -8.90 4.70 15.69
C3 GOL I . -6.60 4.03 15.55
O3 GOL I . -6.71 3.06 16.56
H11 GOL I . -6.42 6.72 14.79
H12 GOL I . -7.46 5.81 13.69
HO1 GOL I . -8.24 7.97 14.19
H2 GOL I . -7.39 5.62 16.74
HO2 GOL I . -9.05 4.28 14.81
H31 GOL I . -5.58 4.42 15.53
H32 GOL I . -6.79 3.57 14.58
HO3 GOL I . -5.87 2.55 16.62
#